data_3QAX
#
_entry.id   3QAX
#
_cell.length_a   40.330
_cell.length_b   51.728
_cell.length_c   119.694
_cell.angle_alpha   90.00
_cell.angle_beta   91.03
_cell.angle_gamma   90.00
#
_symmetry.space_group_name_H-M   'P 1 21 1'
#
loop_
_entity.id
_entity.type
_entity.pdbx_description
1 polymer 'Probable ABC transporter arginine-binding protein ArtJ'
2 non-polymer ARGININE
3 water water
#
_entity_poly.entity_id   1
_entity_poly.type   'polypeptide(L)'
_entity_poly.pdbx_seq_one_letter_code
;MIKQIGRFFRAFIFIMPLSLTSCESKIDRNRIWIVGTNATYPPFEYVDAQGEVVGFDIDLAKAISEKLGKQLEVREFAFD
ALILNLKKHRIDAILAGMSITPSRQKEIALLPYYGDEVQELMVVSKRSLETPVLPLTQYSSVAVQTGTYQEHYLLSQPGI
CVRSFDSTLEVIMEVRYGKSPVAVLEPSVGRVVLKDFPNLVATRLELPPECWVLGCGLGVAKDRPEEIQTIQQAITDLKS
EGVIQSLTKKWQLSEVAYEAAQVWGHTP
;
_entity_poly.pdbx_strand_id   A,B
#
# COMPACT_ATOMS: atom_id res chain seq x y z
N ARG A 31 29.99 4.94 29.69
CA ARG A 31 29.70 6.39 29.33
C ARG A 31 29.25 6.46 27.88
N ILE A 32 30.18 6.32 26.93
CA ILE A 32 29.87 6.33 25.45
C ILE A 32 29.53 4.93 24.87
N TRP A 33 28.57 4.89 23.94
CA TRP A 33 28.16 3.65 23.33
C TRP A 33 28.40 3.76 21.81
N ILE A 34 29.41 3.08 21.32
CA ILE A 34 29.76 3.26 19.85
C ILE A 34 29.03 2.25 19.00
N VAL A 35 28.22 2.76 18.05
CA VAL A 35 27.53 1.90 17.08
C VAL A 35 28.19 2.05 15.75
N GLY A 36 28.75 0.97 15.23
CA GLY A 36 29.31 0.97 13.91
C GLY A 36 28.20 0.78 12.88
N THR A 37 28.32 1.52 11.76
CA THR A 37 27.40 1.41 10.64
C THR A 37 28.13 1.77 9.31
N ASN A 38 27.44 1.59 8.20
CA ASN A 38 27.93 1.99 6.90
C ASN A 38 26.77 2.80 6.23
N ALA A 39 26.87 4.13 6.28
CA ALA A 39 25.77 5.06 5.89
C ALA A 39 25.64 5.28 4.39
N THR A 40 25.17 4.25 3.73
CA THR A 40 25.23 4.07 2.32
C THR A 40 23.91 3.43 1.84
N TYR A 41 22.92 3.40 2.75
CA TYR A 41 21.91 2.32 2.81
C TYR A 41 20.51 2.82 3.29
N PRO A 42 19.92 3.76 2.52
CA PRO A 42 18.54 4.26 2.83
C PRO A 42 17.48 3.16 2.81
N PRO A 43 16.42 3.22 3.68
CA PRO A 43 16.15 4.21 4.76
C PRO A 43 16.72 3.81 6.16
N PHE A 44 17.65 2.86 6.22
CA PHE A 44 18.19 2.41 7.50
C PHE A 44 19.27 3.39 8.06
N GLU A 45 20.21 3.78 7.19
CA GLU A 45 21.21 4.75 7.61
C GLU A 45 21.80 5.37 6.34
N TYR A 46 21.77 6.69 6.26
CA TYR A 46 22.32 7.30 5.08
C TYR A 46 22.59 8.78 5.34
N VAL A 47 23.24 9.43 4.36
CA VAL A 47 23.69 10.80 4.55
C VAL A 47 22.62 11.68 3.92
N ASP A 48 22.06 12.63 4.68
CA ASP A 48 21.02 13.51 4.10
C ASP A 48 21.60 14.71 3.36
N ALA A 49 20.68 15.50 2.79
CA ALA A 49 21.01 16.75 2.11
C ALA A 49 22.00 17.60 2.91
N GLN A 50 22.02 17.47 4.25
CA GLN A 50 22.92 18.33 5.10
C GLN A 50 24.27 17.81 5.47
N GLY A 51 24.55 16.55 5.14
CA GLY A 51 25.81 15.93 5.56
C GLY A 51 25.66 15.15 6.84
N GLU A 52 24.42 15.09 7.33
CA GLU A 52 24.11 14.30 8.53
C GLU A 52 23.63 12.89 8.22
N VAL A 53 24.18 11.98 9.01
CA VAL A 53 23.73 10.57 9.07
C VAL A 53 22.39 10.34 9.79
N VAL A 54 21.40 9.88 9.02
CA VAL A 54 20.02 9.72 9.49
C VAL A 54 19.45 8.37 9.10
N GLY A 55 18.44 7.90 9.79
CA GLY A 55 17.58 6.88 9.28
C GLY A 55 17.03 5.97 10.38
N PHE A 56 16.35 4.92 9.95
CA PHE A 56 15.69 4.03 10.93
C PHE A 56 16.69 3.50 11.96
N ASP A 57 17.84 2.98 11.51
CA ASP A 57 18.80 2.41 12.46
C ASP A 57 19.33 3.48 13.43
N ILE A 58 19.52 4.66 12.90
CA ILE A 58 20.08 5.77 13.70
C ILE A 58 19.08 6.18 14.78
N ASP A 59 17.81 6.34 14.36
CA ASP A 59 16.75 6.58 15.30
C ASP A 59 16.67 5.46 16.34
N LEU A 60 16.87 4.20 15.93
CA LEU A 60 16.77 3.07 16.91
C LEU A 60 17.94 3.10 17.85
N ALA A 61 19.12 3.38 17.31
CA ALA A 61 20.34 3.44 18.17
C ALA A 61 20.13 4.51 19.23
N LYS A 62 19.47 5.60 18.88
CA LYS A 62 19.25 6.68 19.83
C LYS A 62 18.36 6.18 20.99
N ALA A 63 17.30 5.51 20.61
CA ALA A 63 16.32 5.03 21.60
C ALA A 63 16.96 3.98 22.50
N ILE A 64 17.71 3.07 21.90
CA ILE A 64 18.32 2.03 22.65
C ILE A 64 19.31 2.66 23.62
N SER A 65 20.14 3.61 23.19
CA SER A 65 21.19 4.17 24.10
C SER A 65 20.58 4.85 25.31
N GLU A 66 19.48 5.56 25.10
CA GLU A 66 18.67 6.02 26.17
C GLU A 66 18.23 4.88 27.18
N LYS A 67 17.82 3.71 26.71
CA LYS A 67 17.47 2.62 27.62
C LYS A 67 18.69 2.10 28.32
N LEU A 68 19.86 2.24 27.69
CA LEU A 68 21.08 1.69 28.25
C LEU A 68 21.78 2.61 29.27
N GLY A 69 21.29 3.86 29.42
CA GLY A 69 21.97 4.90 30.23
C GLY A 69 23.30 5.39 29.66
N LYS A 70 23.43 5.43 28.33
CA LYS A 70 24.73 5.70 27.70
C LYS A 70 24.54 6.72 26.61
N GLN A 71 25.61 7.40 26.25
CA GLN A 71 25.50 8.42 25.21
C GLN A 71 25.92 7.84 23.88
N LEU A 72 25.09 8.01 22.86
CA LEU A 72 25.30 7.36 21.57
C LEU A 72 26.36 8.05 20.76
N GLU A 73 27.28 7.28 20.20
CA GLU A 73 28.16 7.81 19.18
C GLU A 73 28.10 6.90 17.94
N VAL A 74 27.81 7.46 16.76
CA VAL A 74 27.79 6.65 15.52
C VAL A 74 29.07 6.83 14.72
N ARG A 75 29.66 5.70 14.31
CA ARG A 75 30.91 5.70 13.58
C ARG A 75 30.77 4.89 12.29
N GLU A 76 31.45 5.32 11.25
CA GLU A 76 31.32 4.82 9.87
C GLU A 76 32.45 3.87 9.59
N PHE A 77 32.11 2.68 9.06
CA PHE A 77 33.06 1.69 8.58
C PHE A 77 32.54 1.13 7.28
N ALA A 78 33.42 0.58 6.46
CA ALA A 78 33.02 -0.29 5.33
C ALA A 78 32.11 -1.44 5.89
N PHE A 79 31.08 -1.82 5.14
CA PHE A 79 30.12 -2.83 5.61
C PHE A 79 30.79 -4.13 5.99
N ASP A 80 31.66 -4.60 5.12
CA ASP A 80 32.41 -5.82 5.35
C ASP A 80 33.38 -5.73 6.54
N ALA A 81 33.62 -4.55 7.10
CA ALA A 81 34.60 -4.43 8.18
C ALA A 81 33.89 -4.46 9.55
N LEU A 82 32.57 -4.38 9.53
CA LEU A 82 31.85 -4.14 10.76
C LEU A 82 32.08 -5.28 11.78
N ILE A 83 31.98 -6.53 11.32
CA ILE A 83 32.09 -7.74 12.18
C ILE A 83 33.43 -7.85 12.96
N LEU A 84 34.52 -7.52 12.29
CA LEU A 84 35.84 -7.61 12.84
C LEU A 84 36.00 -6.54 13.91
N ASN A 85 35.48 -5.33 13.65
CA ASN A 85 35.59 -4.21 14.59
C ASN A 85 34.80 -4.57 15.85
N LEU A 86 33.60 -5.09 15.64
CA LEU A 86 32.76 -5.47 16.74
C LEU A 86 33.49 -6.53 17.56
N LYS A 87 33.98 -7.58 16.91
CA LYS A 87 34.70 -8.70 17.56
C LYS A 87 35.86 -8.20 18.45
N LYS A 88 36.60 -7.24 17.89
CA LYS A 88 37.73 -6.60 18.56
C LYS A 88 37.37 -5.53 19.60
N HIS A 89 36.06 -5.22 19.68
CA HIS A 89 35.58 -4.16 20.56
C HIS A 89 36.24 -2.82 20.17
N ARG A 90 36.40 -2.59 18.87
CA ARG A 90 36.55 -1.26 18.38
C ARG A 90 35.23 -0.57 18.13
N ILE A 91 34.09 -1.32 18.23
CA ILE A 91 32.78 -0.69 18.35
C ILE A 91 32.02 -1.55 19.33
N ASP A 92 30.89 -1.06 19.82
CA ASP A 92 30.14 -1.72 20.89
C ASP A 92 28.94 -2.44 20.33
N ALA A 93 28.43 -1.99 19.17
CA ALA A 93 27.34 -2.68 18.53
C ALA A 93 27.37 -2.42 17.02
N ILE A 94 26.67 -3.24 16.28
CA ILE A 94 26.41 -2.92 14.88
C ILE A 94 24.88 -2.64 14.60
N LEU A 95 24.57 -1.47 14.07
CA LEU A 95 23.27 -1.24 13.45
C LEU A 95 23.56 -0.86 11.99
N ALA A 96 23.31 -1.77 11.06
CA ALA A 96 23.68 -1.56 9.61
C ALA A 96 22.74 -2.28 8.65
N GLY A 97 21.46 -2.39 9.03
CA GLY A 97 20.54 -3.21 8.26
C GLY A 97 21.04 -4.62 7.97
N MET A 98 21.71 -5.21 8.96
CA MET A 98 22.43 -6.43 8.76
C MET A 98 21.50 -7.62 8.84
N SER A 99 21.34 -8.30 7.72
CA SER A 99 20.59 -9.56 7.63
C SER A 99 21.16 -10.68 8.55
N ILE A 100 20.28 -11.35 9.26
CA ILE A 100 20.68 -12.50 10.07
C ILE A 100 20.96 -13.76 9.24
N THR A 101 22.20 -14.23 9.27
CA THR A 101 22.55 -15.48 8.62
C THR A 101 23.37 -16.33 9.58
N PRO A 102 23.26 -17.68 9.49
CA PRO A 102 24.06 -18.62 10.30
C PRO A 102 25.56 -18.38 10.30
N SER A 103 26.08 -17.99 9.14
CA SER A 103 27.49 -17.77 9.03
C SER A 103 27.91 -16.57 9.89
N ARG A 104 27.07 -15.53 9.92
CA ARG A 104 27.37 -14.35 10.71
C ARG A 104 27.22 -14.68 12.17
N GLN A 105 26.13 -15.36 12.51
CA GLN A 105 25.94 -15.87 13.89
C GLN A 105 27.14 -16.59 14.52
N LYS A 106 28.04 -17.17 13.71
CA LYS A 106 29.28 -17.83 14.21
C LYS A 106 30.29 -16.84 14.74
N GLU A 107 30.19 -15.61 14.25
CA GLU A 107 31.16 -14.60 14.56
C GLU A 107 30.69 -13.68 15.69
N ILE A 108 29.38 -13.48 15.78
CA ILE A 108 28.82 -12.47 16.71
C ILE A 108 27.38 -12.80 17.00
N ALA A 109 26.77 -12.07 17.95
CA ALA A 109 25.35 -12.18 18.22
C ALA A 109 24.60 -11.15 17.39
N LEU A 110 23.43 -11.52 16.92
CA LEU A 110 22.61 -10.68 16.11
C LEU A 110 21.20 -10.78 16.68
N LEU A 111 20.77 -9.69 17.30
CA LEU A 111 19.46 -9.59 17.97
C LEU A 111 18.44 -9.08 17.02
N PRO A 112 17.36 -9.86 16.79
CA PRO A 112 16.30 -9.50 15.81
C PRO A 112 15.65 -8.20 16.20
N TYR A 113 15.50 -7.27 15.27
CA TYR A 113 14.76 -6.07 15.58
C TYR A 113 13.85 -5.57 14.41
N TYR A 114 14.05 -6.09 13.19
CA TYR A 114 13.15 -5.68 12.06
C TYR A 114 13.06 -6.80 11.04
N GLY A 115 11.91 -6.88 10.36
CA GLY A 115 11.81 -7.69 9.17
C GLY A 115 11.49 -9.16 9.39
N ASP A 116 11.41 -9.92 8.31
CA ASP A 116 11.12 -11.34 8.35
C ASP A 116 12.00 -12.03 7.34
N GLU A 117 11.82 -13.35 7.16
CA GLU A 117 12.59 -14.12 6.20
C GLU A 117 12.58 -13.46 4.83
N VAL A 118 13.71 -13.41 4.14
CA VAL A 118 13.75 -12.87 2.76
C VAL A 118 13.98 -13.98 1.75
N GLN A 119 12.99 -14.16 0.85
CA GLN A 119 12.97 -15.28 -0.07
C GLN A 119 13.06 -14.82 -1.50
N GLU A 120 13.13 -13.51 -1.70
CA GLU A 120 13.13 -12.96 -3.06
C GLU A 120 14.02 -11.74 -3.10
N LEU A 121 14.34 -11.27 -4.31
CA LEU A 121 15.09 -10.04 -4.51
C LEU A 121 14.37 -9.23 -5.60
N MET A 122 14.55 -7.94 -5.61
CA MET A 122 14.04 -7.14 -6.78
C MET A 122 15.12 -7.00 -7.86
N VAL A 123 14.78 -7.20 -9.13
CA VAL A 123 15.65 -6.79 -10.21
C VAL A 123 15.11 -5.50 -10.86
N VAL A 124 15.90 -4.44 -10.78
CA VAL A 124 15.58 -3.11 -11.27
C VAL A 124 16.11 -2.90 -12.69
N SER A 125 15.26 -2.35 -13.53
CA SER A 125 15.62 -2.06 -14.91
C SER A 125 14.82 -0.84 -15.38
N LYS A 126 15.26 -0.21 -16.46
CA LYS A 126 14.47 0.89 -17.03
C LYS A 126 13.18 0.23 -17.49
N ARG A 127 12.08 0.94 -17.41
CA ARG A 127 10.86 0.48 -18.07
C ARG A 127 11.04 0.18 -19.58
N SER A 128 12.03 0.83 -20.23
CA SER A 128 12.32 0.69 -21.67
C SER A 128 12.87 -0.66 -22.03
N LEU A 129 13.48 -1.33 -21.05
CA LEU A 129 14.14 -2.62 -21.23
C LEU A 129 13.05 -3.67 -21.51
N GLU A 130 13.20 -4.48 -22.58
CA GLU A 130 12.09 -5.38 -22.95
C GLU A 130 12.04 -6.68 -22.18
N THR A 131 10.84 -7.07 -21.82
CA THR A 131 10.60 -8.31 -21.11
C THR A 131 10.99 -9.43 -22.09
N PRO A 132 11.44 -10.58 -21.57
CA PRO A 132 11.56 -10.87 -20.16
C PRO A 132 12.83 -10.24 -19.56
N VAL A 133 12.73 -9.75 -18.32
CA VAL A 133 13.89 -9.16 -17.68
C VAL A 133 14.73 -10.34 -17.24
N LEU A 134 14.09 -11.35 -16.66
CA LEU A 134 14.75 -12.60 -16.26
C LEU A 134 15.04 -13.51 -17.44
N PRO A 135 16.17 -14.28 -17.41
CA PRO A 135 17.10 -14.45 -16.28
C PRO A 135 18.27 -13.46 -16.33
N LEU A 136 19.02 -13.39 -15.22
CA LEU A 136 20.13 -12.43 -15.08
C LEU A 136 21.40 -12.72 -15.94
N THR A 137 21.53 -13.97 -16.37
CA THR A 137 22.59 -14.40 -17.29
C THR A 137 22.55 -13.73 -18.64
N GLN A 138 21.43 -13.10 -18.98
CA GLN A 138 21.39 -12.48 -20.29
C GLN A 138 22.17 -11.15 -20.38
N TYR A 139 22.64 -10.60 -19.25
CA TYR A 139 23.12 -9.21 -19.25
C TYR A 139 24.61 -9.03 -19.27
N SER A 140 25.10 -7.95 -19.91
CA SER A 140 26.54 -7.54 -19.82
C SER A 140 27.07 -7.33 -18.38
N SER A 141 26.30 -6.68 -17.51
CA SER A 141 26.56 -6.74 -16.07
C SER A 141 25.29 -6.62 -15.26
N VAL A 142 25.39 -6.95 -13.96
CA VAL A 142 24.34 -6.75 -12.99
C VAL A 142 24.93 -5.97 -11.80
N ALA A 143 24.34 -4.80 -11.54
CA ALA A 143 24.76 -3.89 -10.46
C ALA A 143 24.24 -4.32 -9.09
N VAL A 144 25.10 -4.24 -8.08
CA VAL A 144 24.72 -4.75 -6.78
C VAL A 144 25.62 -4.08 -5.73
N GLN A 145 25.14 -3.98 -4.50
CA GLN A 145 25.94 -3.38 -3.40
C GLN A 145 27.00 -4.36 -2.85
N THR A 146 28.21 -3.85 -2.57
CA THR A 146 29.33 -4.67 -2.14
C THR A 146 29.11 -5.20 -0.76
N GLY A 147 29.72 -6.35 -0.52
CA GLY A 147 29.73 -6.98 0.85
C GLY A 147 28.39 -7.51 1.40
N THR A 148 27.34 -7.49 0.57
CA THR A 148 25.97 -7.82 0.95
C THR A 148 25.58 -9.28 0.61
N TYR A 149 24.55 -9.81 1.25
CA TYR A 149 24.20 -11.20 0.92
C TYR A 149 23.71 -11.34 -0.54
N GLN A 150 23.08 -10.29 -1.06
CA GLN A 150 22.64 -10.32 -2.42
C GLN A 150 23.78 -10.32 -3.42
N GLU A 151 24.86 -9.58 -3.13
CA GLU A 151 26.05 -9.76 -3.94
C GLU A 151 26.57 -11.20 -3.89
N HIS A 152 26.74 -11.75 -2.70
CA HIS A 152 27.20 -13.17 -2.60
C HIS A 152 26.30 -14.17 -3.36
N TYR A 153 24.97 -14.02 -3.30
CA TYR A 153 24.05 -14.77 -4.20
C TYR A 153 24.46 -14.67 -5.68
N LEU A 154 24.64 -13.47 -6.18
CA LEU A 154 24.93 -13.30 -7.57
C LEU A 154 26.24 -13.92 -7.94
N LEU A 155 27.21 -13.84 -7.04
CA LEU A 155 28.52 -14.36 -7.33
C LEU A 155 28.56 -15.89 -7.29
N SER A 156 27.61 -16.55 -6.63
CA SER A 156 27.54 -17.99 -6.65
C SER A 156 26.69 -18.57 -7.81
N GLN A 157 26.13 -17.72 -8.67
CA GLN A 157 25.36 -18.25 -9.75
C GLN A 157 26.20 -18.28 -10.95
N PRO A 158 26.06 -19.38 -11.74
CA PRO A 158 26.78 -19.50 -13.00
C PRO A 158 26.34 -18.46 -14.01
N GLY A 159 27.29 -17.91 -14.76
CA GLY A 159 26.96 -17.01 -15.89
C GLY A 159 26.50 -15.58 -15.58
N ILE A 160 26.82 -15.06 -14.40
CA ILE A 160 26.45 -13.67 -14.06
C ILE A 160 27.69 -12.83 -13.97
N CYS A 161 27.71 -11.70 -14.64
CA CYS A 161 28.80 -10.78 -14.55
C CYS A 161 28.38 -9.68 -13.56
N VAL A 162 29.03 -9.59 -12.40
CA VAL A 162 28.59 -8.68 -11.30
C VAL A 162 29.47 -7.42 -11.21
N ARG A 163 28.83 -6.24 -11.18
CA ARG A 163 29.51 -5.02 -10.75
C ARG A 163 28.97 -4.58 -9.35
N SER A 164 29.86 -4.32 -8.39
CA SER A 164 29.46 -4.00 -7.02
C SER A 164 29.88 -2.60 -6.60
N PHE A 165 29.03 -1.91 -5.84
CA PHE A 165 29.24 -0.48 -5.50
C PHE A 165 29.08 -0.26 -4.04
N ASP A 166 29.54 0.91 -3.61
CA ASP A 166 29.46 1.27 -2.20
C ASP A 166 28.00 1.39 -1.73
N SER A 167 27.16 2.00 -2.57
CA SER A 167 25.88 2.47 -2.06
C SER A 167 24.75 2.06 -3.00
N THR A 168 23.58 1.92 -2.38
CA THR A 168 22.34 1.66 -3.01
C THR A 168 22.01 2.66 -4.16
N LEU A 169 22.21 3.95 -3.90
CA LEU A 169 22.03 4.96 -4.92
C LEU A 169 22.94 4.72 -6.07
N GLU A 170 24.17 4.33 -5.81
CA GLU A 170 25.07 4.09 -6.92
C GLU A 170 24.56 2.98 -7.79
N VAL A 171 24.12 1.90 -7.15
CA VAL A 171 23.55 0.73 -7.80
C VAL A 171 22.38 1.19 -8.69
N ILE A 172 21.46 1.99 -8.16
CA ILE A 172 20.32 2.39 -8.97
C ILE A 172 20.74 3.36 -10.10
N MET A 173 21.67 4.25 -9.78
CA MET A 173 22.10 5.23 -10.80
C MET A 173 22.80 4.52 -11.94
N GLU A 174 23.44 3.40 -11.63
CA GLU A 174 24.11 2.61 -12.63
C GLU A 174 23.08 2.14 -13.70
N VAL A 175 21.87 1.77 -13.27
CA VAL A 175 20.75 1.49 -14.18
C VAL A 175 20.18 2.73 -14.90
N ARG A 176 19.80 3.77 -14.18
CA ARG A 176 19.15 4.85 -14.88
C ARG A 176 20.10 5.58 -15.82
N TYR A 177 21.39 5.45 -15.58
CA TYR A 177 22.40 6.02 -16.49
C TYR A 177 22.75 5.09 -17.67
N GLY A 178 22.16 3.90 -17.71
CA GLY A 178 22.33 3.01 -18.87
C GLY A 178 23.63 2.19 -18.87
N LYS A 179 24.36 2.29 -17.76
CA LYS A 179 25.64 1.63 -17.63
C LYS A 179 25.55 0.16 -17.23
N SER A 180 24.44 -0.23 -16.60
CA SER A 180 24.17 -1.64 -16.36
C SER A 180 22.71 -1.74 -16.72
N PRO A 181 22.35 -2.79 -17.46
CA PRO A 181 20.93 -2.97 -17.81
C PRO A 181 20.05 -3.29 -16.59
N VAL A 182 20.63 -3.91 -15.57
CA VAL A 182 19.86 -4.27 -14.44
C VAL A 182 20.66 -4.12 -13.15
N ALA A 183 19.93 -3.92 -12.05
CA ALA A 183 20.48 -4.01 -10.69
C ALA A 183 19.66 -4.94 -9.82
N VAL A 184 20.19 -5.28 -8.65
CA VAL A 184 19.47 -6.10 -7.67
C VAL A 184 19.46 -5.37 -6.31
N LEU A 185 18.27 -5.24 -5.72
CA LEU A 185 18.06 -4.67 -4.40
C LEU A 185 17.28 -5.69 -3.54
N GLU A 186 17.42 -5.56 -2.26
CA GLU A 186 16.46 -6.16 -1.33
C GLU A 186 15.09 -5.47 -1.40
N PRO A 187 14.01 -6.22 -1.24
CA PRO A 187 12.67 -5.67 -1.40
C PRO A 187 12.28 -4.60 -0.38
N SER A 188 12.70 -4.77 0.87
CA SER A 188 12.41 -3.77 1.87
C SER A 188 13.05 -2.42 1.50
N VAL A 189 14.25 -2.49 0.91
CA VAL A 189 14.96 -1.32 0.47
C VAL A 189 14.39 -0.75 -0.83
N GLY A 190 14.20 -1.65 -1.81
CA GLY A 190 13.61 -1.29 -3.12
C GLY A 190 12.23 -0.63 -3.00
N ARG A 191 11.33 -1.16 -2.12
CA ARG A 191 9.99 -0.57 -1.90
C ARG A 191 10.04 0.91 -1.55
N VAL A 192 11.09 1.30 -0.85
CA VAL A 192 11.29 2.68 -0.35
C VAL A 192 12.02 3.57 -1.39
N VAL A 193 13.21 3.12 -1.80
CA VAL A 193 14.08 3.87 -2.69
C VAL A 193 13.46 4.09 -4.08
N LEU A 194 12.76 3.09 -4.63
CA LEU A 194 12.31 3.19 -6.03
C LEU A 194 11.11 4.14 -6.23
N LYS A 195 10.55 4.61 -5.11
CA LYS A 195 9.47 5.62 -5.12
C LYS A 195 9.88 6.88 -5.86
N ASP A 196 11.17 7.19 -5.84
CA ASP A 196 11.70 8.42 -6.41
C ASP A 196 12.18 8.24 -7.86
N PHE A 197 11.95 7.04 -8.41
CA PHE A 197 12.38 6.69 -9.79
C PHE A 197 11.22 6.11 -10.60
N PRO A 198 10.29 6.98 -11.07
CA PRO A 198 9.08 6.53 -11.76
C PRO A 198 9.38 5.85 -13.09
N ASN A 199 10.59 6.01 -13.63
CA ASN A 199 10.95 5.34 -14.88
C ASN A 199 11.70 4.02 -14.71
N LEU A 200 11.90 3.59 -13.48
CA LEU A 200 12.50 2.29 -13.25
C LEU A 200 11.37 1.35 -12.89
N VAL A 201 11.52 0.07 -13.14
CA VAL A 201 10.50 -0.90 -12.69
C VAL A 201 11.26 -2.02 -12.02
N ALA A 202 10.55 -2.80 -11.21
CA ALA A 202 11.17 -3.85 -10.42
C ALA A 202 10.49 -5.21 -10.71
N THR A 203 11.24 -6.32 -10.79
CA THR A 203 10.67 -7.65 -10.98
C THR A 203 11.15 -8.68 -9.92
N ARG A 204 10.23 -9.51 -9.41
CA ARG A 204 10.52 -10.46 -8.35
C ARG A 204 11.47 -11.47 -8.92
N LEU A 205 12.50 -11.78 -8.16
CA LEU A 205 13.36 -12.88 -8.54
C LEU A 205 13.39 -13.77 -7.31
N GLU A 206 12.75 -14.92 -7.38
CA GLU A 206 12.69 -15.82 -6.20
C GLU A 206 14.10 -16.33 -5.93
N LEU A 207 14.47 -16.47 -4.66
CA LEU A 207 15.80 -16.95 -4.28
C LEU A 207 15.76 -18.43 -4.03
N PRO A 208 16.83 -19.14 -4.42
CA PRO A 208 16.77 -20.52 -3.97
C PRO A 208 16.72 -20.57 -2.43
N PRO A 209 16.00 -21.57 -1.86
CA PRO A 209 15.90 -21.68 -0.37
C PRO A 209 17.26 -21.76 0.35
N GLU A 210 18.32 -22.17 -0.36
CA GLU A 210 19.61 -22.14 0.29
C GLU A 210 20.22 -20.72 0.38
N CYS A 211 19.56 -19.71 -0.21
CA CYS A 211 20.00 -18.33 -0.04
C CYS A 211 19.02 -17.39 0.71
N TRP A 212 17.91 -17.94 1.21
CA TRP A 212 16.97 -17.19 2.06
C TRP A 212 17.70 -16.71 3.27
N VAL A 213 17.45 -15.47 3.69
CA VAL A 213 18.04 -15.04 4.95
C VAL A 213 16.90 -14.61 5.86
N LEU A 214 17.24 -14.30 7.12
CA LEU A 214 16.31 -13.75 8.09
C LEU A 214 16.27 -12.22 8.05
N GLY A 215 15.51 -11.62 8.98
CA GLY A 215 15.35 -10.17 9.01
C GLY A 215 16.62 -9.58 9.63
N CYS A 216 16.53 -8.35 10.13
CA CYS A 216 17.74 -7.60 10.54
C CYS A 216 18.04 -7.83 12.03
N GLY A 217 19.32 -7.93 12.36
CA GLY A 217 19.76 -8.11 13.72
C GLY A 217 20.74 -7.04 14.10
N LEU A 218 20.69 -6.65 15.37
CA LEU A 218 21.61 -5.67 15.91
C LEU A 218 22.82 -6.49 16.45
N GLY A 219 24.03 -6.17 16.01
CA GLY A 219 25.17 -7.02 16.30
C GLY A 219 25.83 -6.65 17.62
N VAL A 220 26.13 -7.65 18.42
CA VAL A 220 26.80 -7.49 19.70
C VAL A 220 27.85 -8.58 19.81
N ALA A 221 28.95 -8.26 20.44
CA ALA A 221 30.01 -9.25 20.52
C ALA A 221 29.49 -10.48 21.32
N LYS A 222 29.86 -11.68 20.88
CA LYS A 222 29.37 -12.94 21.56
C LYS A 222 29.95 -13.14 22.97
N ASP A 223 31.14 -12.60 23.21
CA ASP A 223 31.76 -12.67 24.53
C ASP A 223 31.19 -11.63 25.49
N ARG A 224 30.16 -10.88 25.08
CA ARG A 224 29.48 -9.92 25.94
C ARG A 224 28.02 -10.27 26.26
N PRO A 225 27.77 -11.39 27.00
CA PRO A 225 26.39 -11.82 27.30
C PRO A 225 25.56 -10.80 28.07
N GLU A 226 26.23 -9.96 28.88
CA GLU A 226 25.51 -9.06 29.80
C GLU A 226 24.92 -7.94 28.95
N GLU A 227 25.68 -7.55 27.94
CA GLU A 227 25.21 -6.50 27.04
C GLU A 227 24.10 -7.06 26.15
N ILE A 228 24.26 -8.32 25.75
CA ILE A 228 23.25 -9.00 24.97
C ILE A 228 21.85 -8.92 25.62
N GLN A 229 21.80 -9.36 26.89
CA GLN A 229 20.58 -9.38 27.65
C GLN A 229 20.01 -8.00 27.78
N THR A 230 20.87 -7.06 28.22
CA THR A 230 20.48 -5.66 28.40
C THR A 230 19.87 -5.08 27.12
N ILE A 231 20.58 -5.28 26.01
CA ILE A 231 20.15 -4.79 24.71
C ILE A 231 18.86 -5.55 24.22
N GLN A 232 18.80 -6.86 24.42
CA GLN A 232 17.59 -7.59 24.07
C GLN A 232 16.40 -7.02 24.82
N GLN A 233 16.59 -6.72 26.10
CA GLN A 233 15.56 -6.17 26.91
C GLN A 233 15.19 -4.76 26.42
N ALA A 234 16.17 -3.97 25.96
CA ALA A 234 15.82 -2.62 25.43
C ALA A 234 14.91 -2.71 24.19
N ILE A 235 15.24 -3.64 23.30
CA ILE A 235 14.43 -3.91 22.09
C ILE A 235 13.01 -4.38 22.42
N THR A 236 12.90 -5.34 23.34
CA THR A 236 11.55 -5.78 23.72
C THR A 236 10.74 -4.65 24.36
N ASP A 237 11.39 -3.82 25.18
CA ASP A 237 10.71 -2.66 25.77
C ASP A 237 10.20 -1.65 24.71
N LEU A 238 11.03 -1.36 23.70
CA LEU A 238 10.67 -0.40 22.62
C LEU A 238 9.56 -0.92 21.73
N LYS A 239 9.59 -2.21 21.46
CA LYS A 239 8.49 -2.89 20.81
C LYS A 239 7.16 -2.74 21.60
N SER A 240 7.20 -3.12 22.87
CA SER A 240 6.02 -2.92 23.77
C SER A 240 5.52 -1.52 23.75
N GLU A 241 6.43 -0.54 23.81
CA GLU A 241 6.05 0.86 23.89
C GLU A 241 5.50 1.38 22.57
N GLY A 242 5.57 0.57 21.51
CA GLY A 242 5.13 1.05 20.20
C GLY A 242 6.18 1.90 19.48
N VAL A 243 7.35 2.04 20.09
CA VAL A 243 8.37 2.90 19.50
C VAL A 243 8.90 2.36 18.17
N ILE A 244 9.20 1.06 18.14
CA ILE A 244 9.62 0.36 16.91
C ILE A 244 8.53 0.45 15.80
N GLN A 245 7.26 0.24 16.13
CA GLN A 245 6.21 0.45 15.12
C GLN A 245 6.19 1.88 14.58
N SER A 246 6.23 2.88 15.47
CA SER A 246 6.35 4.24 15.01
C SER A 246 7.51 4.47 14.03
N LEU A 247 8.68 3.95 14.37
CA LEU A 247 9.88 4.23 13.67
C LEU A 247 9.79 3.52 12.29
N THR A 248 9.30 2.28 12.23
CA THR A 248 9.14 1.55 10.94
C THR A 248 8.17 2.32 10.00
N LYS A 249 7.14 2.97 10.55
CA LYS A 249 6.24 3.80 9.77
C LYS A 249 6.93 5.06 9.28
N LYS A 250 7.67 5.70 10.15
CA LYS A 250 8.34 6.93 9.89
C LYS A 250 9.30 6.74 8.72
N TRP A 251 10.01 5.62 8.68
CA TRP A 251 11.00 5.44 7.63
C TRP A 251 10.54 4.52 6.52
N GLN A 252 9.22 4.27 6.49
CA GLN A 252 8.59 3.46 5.44
C GLN A 252 9.06 2.00 5.29
N LEU A 253 9.30 1.35 6.42
CA LEU A 253 9.80 0.01 6.39
C LEU A 253 8.65 -0.98 6.70
N SER A 254 7.50 -0.43 7.11
CA SER A 254 6.32 -1.21 7.42
C SER A 254 5.43 -1.24 6.22
N GLU A 255 4.58 -2.25 6.12
CA GLU A 255 3.51 -2.18 5.14
C GLU A 255 2.61 -1.03 5.54
N VAL A 256 2.24 -0.22 4.58
CA VAL A 256 1.53 0.99 4.85
C VAL A 256 0.15 0.66 5.33
N ALA A 257 -0.25 1.21 6.47
CA ALA A 257 -1.64 1.09 6.96
C ALA A 257 -2.41 2.39 6.69
N TYR A 258 -3.74 2.29 6.69
CA TYR A 258 -4.59 3.48 6.67
C TYR A 258 -4.87 3.98 8.10
N GLU A 259 -4.92 5.30 8.24
CA GLU A 259 -5.31 5.94 9.50
C GLU A 259 -6.81 6.05 9.58
N ALA A 260 -7.46 5.19 10.35
CA ALA A 260 -8.91 5.15 10.36
C ALA A 260 -9.48 5.95 11.57
N ALA A 261 -10.37 6.90 11.36
CA ALA A 261 -10.97 7.61 12.49
C ALA A 261 -11.95 6.67 13.14
N GLN A 262 -11.89 6.50 14.45
CA GLN A 262 -12.93 5.73 15.13
C GLN A 262 -13.66 6.60 16.12
N ASP B 28 -52.17 15.88 -12.29
CA ASP B 28 -51.10 16.57 -13.12
C ASP B 28 -50.06 15.59 -13.77
N ARG B 29 -49.49 16.03 -14.89
CA ARG B 29 -48.39 15.39 -15.64
C ARG B 29 -47.14 15.23 -14.76
N ASN B 30 -46.96 14.06 -14.16
CA ASN B 30 -45.69 13.81 -13.49
C ASN B 30 -44.73 13.08 -14.43
N ARG B 31 -43.83 13.79 -15.09
CA ARG B 31 -42.69 13.15 -15.75
C ARG B 31 -41.72 12.57 -14.70
N ILE B 32 -41.58 11.25 -14.71
CA ILE B 32 -40.70 10.55 -13.77
C ILE B 32 -39.31 10.29 -14.31
N TRP B 33 -38.34 10.30 -13.41
CA TRP B 33 -36.99 10.26 -13.80
C TRP B 33 -36.45 9.09 -13.00
N ILE B 34 -36.28 7.95 -13.64
CA ILE B 34 -35.96 6.71 -12.87
C ILE B 34 -34.48 6.53 -12.77
N VAL B 35 -33.99 6.42 -11.54
CA VAL B 35 -32.57 6.19 -11.27
C VAL B 35 -32.39 4.80 -10.77
N GLY B 36 -31.54 4.04 -11.46
CA GLY B 36 -31.23 2.73 -11.08
C GLY B 36 -30.05 2.74 -10.14
N THR B 37 -30.15 1.93 -9.08
CA THR B 37 -29.07 1.74 -8.15
C THR B 37 -29.05 0.35 -7.52
N ASN B 38 -28.02 0.11 -6.71
CA ASN B 38 -27.86 -1.19 -6.02
C ASN B 38 -27.51 -0.82 -4.58
N ALA B 39 -28.55 -0.66 -3.74
CA ALA B 39 -28.45 -0.10 -2.37
C ALA B 39 -27.78 -1.06 -1.36
N THR B 40 -26.47 -1.31 -1.55
CA THR B 40 -25.72 -2.35 -0.77
C THR B 40 -24.33 -1.79 -0.39
N TYR B 41 -24.23 -0.45 -0.42
CA TYR B 41 -23.02 0.25 -0.74
C TYR B 41 -22.96 1.64 0.01
N PRO B 42 -22.92 1.60 1.36
CA PRO B 42 -22.77 2.80 2.16
C PRO B 42 -21.43 3.50 1.84
N PRO B 43 -21.38 4.86 1.88
CA PRO B 43 -22.44 5.78 2.23
C PRO B 43 -23.15 6.28 0.98
N PHE B 44 -22.98 5.62 -0.16
CA PHE B 44 -23.51 6.12 -1.45
C PHE B 44 -25.00 5.77 -1.65
N GLU B 45 -25.37 4.53 -1.42
CA GLU B 45 -26.79 4.15 -1.37
C GLU B 45 -26.89 2.90 -0.49
N TYR B 46 -27.83 2.92 0.43
CA TYR B 46 -27.96 1.80 1.32
C TYR B 46 -29.27 1.86 1.99
N VAL B 47 -29.62 0.77 2.69
CA VAL B 47 -30.92 0.66 3.37
C VAL B 47 -30.72 0.97 4.85
N ASP B 48 -31.51 1.92 5.38
CA ASP B 48 -31.31 2.41 6.75
C ASP B 48 -32.11 1.55 7.68
N ALA B 49 -32.11 1.95 8.95
CA ALA B 49 -32.79 1.16 9.97
C ALA B 49 -34.34 1.09 9.83
N GLN B 50 -34.95 1.85 8.91
CA GLN B 50 -36.44 1.85 8.67
C GLN B 50 -36.82 1.31 7.31
N GLY B 51 -35.85 0.75 6.60
CA GLY B 51 -36.12 0.21 5.25
C GLY B 51 -36.02 1.25 4.15
N GLU B 52 -35.53 2.44 4.51
CA GLU B 52 -35.44 3.51 3.51
C GLU B 52 -34.08 3.52 2.82
N VAL B 53 -34.07 3.71 1.51
CA VAL B 53 -32.83 3.76 0.72
C VAL B 53 -32.35 5.18 0.72
N VAL B 54 -31.13 5.39 1.23
CA VAL B 54 -30.56 6.72 1.53
C VAL B 54 -29.07 6.70 1.16
N GLY B 55 -28.45 7.87 1.15
CA GLY B 55 -27.03 7.97 0.93
C GLY B 55 -26.72 9.14 0.05
N PHE B 56 -25.42 9.37 -0.15
CA PHE B 56 -24.95 10.43 -1.06
C PHE B 56 -25.54 10.42 -2.45
N ASP B 57 -25.51 9.27 -3.13
CA ASP B 57 -26.11 9.13 -4.43
C ASP B 57 -27.60 9.43 -4.44
N ILE B 58 -28.29 8.99 -3.41
CA ILE B 58 -29.77 9.29 -3.31
C ILE B 58 -29.98 10.81 -3.18
N ASP B 59 -29.23 11.42 -2.25
CA ASP B 59 -29.35 12.88 -2.07
C ASP B 59 -29.01 13.68 -3.34
N LEU B 60 -27.95 13.28 -4.02
CA LEU B 60 -27.61 13.94 -5.27
C LEU B 60 -28.63 13.72 -6.36
N ALA B 61 -29.16 12.51 -6.45
CA ALA B 61 -30.29 12.24 -7.38
C ALA B 61 -31.49 13.19 -7.12
N LYS B 62 -31.82 13.42 -5.86
CA LYS B 62 -32.89 14.33 -5.52
C LYS B 62 -32.51 15.73 -5.98
N ALA B 63 -31.33 16.20 -5.62
CA ALA B 63 -30.95 17.55 -6.09
C ALA B 63 -30.91 17.65 -7.59
N ILE B 64 -30.39 16.65 -8.27
CA ILE B 64 -30.41 16.67 -9.72
C ILE B 64 -31.82 16.64 -10.32
N SER B 65 -32.70 15.80 -9.81
CA SER B 65 -34.08 15.76 -10.37
C SER B 65 -34.76 17.15 -10.30
N GLU B 66 -34.51 17.90 -9.22
CA GLU B 66 -34.94 19.32 -9.10
C GLU B 66 -34.47 20.16 -10.29
N LYS B 67 -33.17 20.16 -10.60
CA LYS B 67 -32.68 20.88 -11.76
C LYS B 67 -33.34 20.40 -13.02
N LEU B 68 -33.63 19.10 -13.10
CA LEU B 68 -34.25 18.58 -14.33
C LEU B 68 -35.79 18.86 -14.43
N GLY B 69 -36.40 19.27 -13.32
CA GLY B 69 -37.83 19.49 -13.31
C GLY B 69 -38.65 18.21 -13.40
N LYS B 70 -38.08 17.09 -12.94
CA LYS B 70 -38.78 15.84 -12.96
C LYS B 70 -38.86 15.24 -11.56
N GLN B 71 -39.88 14.41 -11.37
CA GLN B 71 -40.05 13.76 -10.09
C GLN B 71 -39.11 12.53 -10.01
N LEU B 72 -38.32 12.40 -8.96
CA LEU B 72 -37.35 11.32 -8.86
C LEU B 72 -38.04 10.00 -8.53
N GLU B 73 -37.60 8.92 -9.14
CA GLU B 73 -37.91 7.57 -8.63
C GLU B 73 -36.66 6.65 -8.61
N VAL B 74 -36.33 6.11 -7.45
CA VAL B 74 -35.15 5.24 -7.34
C VAL B 74 -35.57 3.75 -7.42
N ARG B 75 -34.91 2.98 -8.29
CA ARG B 75 -35.24 1.54 -8.36
C ARG B 75 -34.03 0.69 -8.14
N GLU B 76 -34.23 -0.51 -7.59
CA GLU B 76 -33.11 -1.34 -7.21
C GLU B 76 -32.86 -2.37 -8.30
N PHE B 77 -31.58 -2.66 -8.61
CA PHE B 77 -31.18 -3.67 -9.58
C PHE B 77 -29.89 -4.34 -9.11
N ALA B 78 -29.63 -5.57 -9.50
CA ALA B 78 -28.26 -6.13 -9.30
C ALA B 78 -27.25 -5.16 -9.94
N PHE B 79 -26.06 -5.00 -9.35
CA PHE B 79 -25.14 -4.00 -9.83
C PHE B 79 -24.68 -4.32 -11.25
N ASP B 80 -24.28 -5.55 -11.54
CA ASP B 80 -23.90 -5.99 -12.91
C ASP B 80 -25.05 -5.89 -13.99
N ALA B 81 -26.29 -5.59 -13.54
CA ALA B 81 -27.42 -5.43 -14.44
C ALA B 81 -27.74 -3.98 -14.84
N LEU B 82 -27.07 -3.01 -14.21
CA LEU B 82 -27.45 -1.59 -14.38
C LEU B 82 -27.18 -1.05 -15.79
N ILE B 83 -25.98 -1.31 -16.32
CA ILE B 83 -25.59 -0.88 -17.65
C ILE B 83 -26.65 -1.26 -18.69
N LEU B 84 -27.02 -2.55 -18.70
CA LEU B 84 -27.93 -3.13 -19.67
C LEU B 84 -29.33 -2.49 -19.56
N ASN B 85 -29.85 -2.41 -18.33
CA ASN B 85 -31.07 -1.68 -18.04
C ASN B 85 -30.99 -0.22 -18.55
N LEU B 86 -29.87 0.47 -18.32
CA LEU B 86 -29.74 1.85 -18.78
C LEU B 86 -29.78 1.96 -20.30
N LYS B 87 -28.98 1.14 -20.99
CA LYS B 87 -28.94 1.11 -22.45
C LYS B 87 -30.30 0.86 -23.11
N LYS B 88 -31.02 -0.08 -22.53
CA LYS B 88 -32.37 -0.42 -22.99
C LYS B 88 -33.47 0.55 -22.63
N HIS B 89 -33.13 1.55 -21.81
CA HIS B 89 -34.08 2.62 -21.42
C HIS B 89 -35.12 2.08 -20.44
N ARG B 90 -34.74 1.03 -19.69
CA ARG B 90 -35.59 0.57 -18.60
C ARG B 90 -35.30 1.40 -17.34
N ILE B 91 -34.21 2.18 -17.34
CA ILE B 91 -34.00 3.18 -16.28
C ILE B 91 -33.40 4.37 -17.01
N ASP B 92 -33.43 5.54 -16.41
CA ASP B 92 -33.04 6.77 -17.14
C ASP B 92 -31.62 7.23 -16.76
N ALA B 93 -31.14 6.83 -15.58
CA ALA B 93 -29.76 7.14 -15.20
C ALA B 93 -29.24 6.08 -14.24
N ILE B 94 -27.94 6.10 -14.01
CA ILE B 94 -27.37 5.23 -12.96
C ILE B 94 -26.64 6.08 -11.96
N LEU B 95 -27.02 5.94 -10.70
CA LEU B 95 -26.19 6.42 -9.64
C LEU B 95 -25.95 5.25 -8.70
N ALA B 96 -24.71 4.80 -8.65
CA ALA B 96 -24.37 3.60 -7.89
C ALA B 96 -22.91 3.60 -7.48
N GLY B 97 -22.37 4.78 -7.22
CA GLY B 97 -20.94 4.88 -6.95
C GLY B 97 -20.14 4.18 -8.03
N MET B 98 -20.54 4.34 -9.26
CA MET B 98 -19.96 3.56 -10.31
C MET B 98 -18.70 4.23 -10.84
N SER B 99 -17.57 3.54 -10.68
CA SER B 99 -16.26 4.01 -11.12
C SER B 99 -16.18 4.13 -12.66
N ILE B 100 -15.59 5.22 -13.11
CA ILE B 100 -15.38 5.43 -14.52
C ILE B 100 -14.22 4.60 -15.09
N THR B 101 -14.52 3.73 -16.04
CA THR B 101 -13.49 2.94 -16.76
C THR B 101 -13.80 3.00 -18.25
N PRO B 102 -12.78 2.91 -19.11
CA PRO B 102 -13.04 2.89 -20.57
C PRO B 102 -14.04 1.83 -20.99
N SER B 103 -13.91 0.66 -20.39
CA SER B 103 -14.71 -0.47 -20.76
C SER B 103 -16.22 -0.18 -20.54
N ARG B 104 -16.53 0.56 -19.49
CA ARG B 104 -17.90 0.99 -19.25
C ARG B 104 -18.33 2.16 -20.17
N GLN B 105 -17.43 3.10 -20.41
CA GLN B 105 -17.68 4.18 -21.38
C GLN B 105 -17.99 3.70 -22.77
N LYS B 106 -17.47 2.52 -23.13
CA LYS B 106 -17.87 1.87 -24.41
C LYS B 106 -19.38 1.69 -24.54
N GLU B 107 -20.03 1.41 -23.41
CA GLU B 107 -21.45 1.11 -23.41
C GLU B 107 -22.34 2.33 -23.08
N ILE B 108 -21.88 3.18 -22.16
CA ILE B 108 -22.71 4.31 -21.64
C ILE B 108 -21.84 5.57 -21.47
N ALA B 109 -22.49 6.73 -21.33
CA ALA B 109 -21.82 7.93 -20.81
C ALA B 109 -21.81 7.89 -19.28
N LEU B 110 -20.70 8.30 -18.71
CA LEU B 110 -20.50 8.29 -17.28
C LEU B 110 -20.06 9.68 -16.87
N LEU B 111 -20.95 10.46 -16.26
CA LEU B 111 -20.64 11.86 -15.96
C LEU B 111 -19.98 11.97 -14.57
N PRO B 112 -18.70 12.47 -14.50
CA PRO B 112 -17.93 12.57 -13.25
C PRO B 112 -18.68 13.40 -12.19
N TYR B 113 -18.77 12.88 -10.98
CA TYR B 113 -19.39 13.72 -9.89
C TYR B 113 -18.66 13.64 -8.55
N TYR B 114 -17.81 12.64 -8.40
CA TYR B 114 -17.11 12.46 -7.12
C TYR B 114 -15.86 11.59 -7.25
N GLY B 115 -14.80 11.97 -6.55
CA GLY B 115 -13.62 11.22 -6.38
C GLY B 115 -12.53 11.42 -7.42
N ASP B 116 -11.28 11.21 -7.01
CA ASP B 116 -10.14 11.23 -7.95
C ASP B 116 -9.71 9.80 -8.33
N GLU B 117 -8.71 9.69 -9.20
CA GLU B 117 -8.20 8.40 -9.66
C GLU B 117 -7.94 7.46 -8.51
N VAL B 118 -8.24 6.18 -8.72
CA VAL B 118 -7.99 5.17 -7.69
C VAL B 118 -6.91 4.26 -8.20
N GLN B 119 -5.78 4.19 -7.49
CA GLN B 119 -4.70 3.31 -7.83
C GLN B 119 -4.39 2.37 -6.70
N GLU B 120 -5.33 2.18 -5.81
CA GLU B 120 -5.03 1.32 -4.67
C GLU B 120 -6.31 0.76 -4.05
N LEU B 121 -6.17 -0.27 -3.21
CA LEU B 121 -7.30 -0.83 -2.49
C LEU B 121 -6.94 -1.03 -1.01
N MET B 122 -7.95 -1.16 -0.17
CA MET B 122 -7.78 -1.52 1.26
C MET B 122 -7.93 -2.99 1.48
N VAL B 123 -6.93 -3.63 2.08
CA VAL B 123 -7.05 -4.99 2.51
C VAL B 123 -7.43 -4.93 3.97
N VAL B 124 -8.57 -5.48 4.30
CA VAL B 124 -9.14 -5.27 5.64
C VAL B 124 -8.91 -6.56 6.40
N SER B 125 -8.34 -6.47 7.62
CA SER B 125 -8.19 -7.66 8.47
C SER B 125 -8.45 -7.37 9.96
N LYS B 126 -8.62 -8.41 10.77
CA LYS B 126 -8.70 -8.20 12.19
C LYS B 126 -7.35 -7.61 12.64
N ARG B 127 -7.39 -6.78 13.69
CA ARG B 127 -6.17 -6.24 14.34
C ARG B 127 -5.14 -7.32 14.69
N SER B 128 -5.64 -8.47 15.12
CA SER B 128 -4.83 -9.58 15.58
C SER B 128 -4.19 -10.42 14.43
N LEU B 129 -4.48 -10.08 13.17
CA LEU B 129 -3.95 -10.86 12.06
C LEU B 129 -2.48 -10.58 11.94
N GLU B 130 -1.73 -11.71 11.87
CA GLU B 130 -0.29 -11.82 11.54
C GLU B 130 0.17 -10.74 10.56
N THR B 131 1.04 -9.83 10.99
CA THR B 131 1.61 -8.88 10.06
C THR B 131 3.00 -9.41 9.61
N PRO B 132 3.36 -9.34 8.29
CA PRO B 132 2.75 -8.63 7.16
C PRO B 132 1.49 -9.29 6.61
N VAL B 133 0.42 -8.51 6.48
CA VAL B 133 -0.82 -9.02 5.94
C VAL B 133 -0.64 -9.41 4.46
N LEU B 134 0.06 -8.60 3.67
CA LEU B 134 0.27 -8.94 2.24
C LEU B 134 1.31 -10.08 2.09
N PRO B 135 1.21 -10.92 1.05
CA PRO B 135 0.23 -10.87 -0.05
C PRO B 135 -1.05 -11.74 0.15
N LEU B 136 -2.04 -11.49 -0.71
CA LEU B 136 -3.37 -12.10 -0.61
C LEU B 136 -3.38 -13.59 -0.87
N THR B 137 -2.43 -14.04 -1.69
CA THR B 137 -2.27 -15.45 -2.04
C THR B 137 -2.13 -16.38 -0.86
N GLN B 138 -1.61 -15.91 0.27
CA GLN B 138 -1.47 -16.79 1.42
C GLN B 138 -2.80 -17.19 2.08
N TYR B 139 -3.92 -16.53 1.74
CA TYR B 139 -5.19 -16.72 2.49
C TYR B 139 -6.17 -17.82 1.94
N SER B 140 -6.90 -18.50 2.84
CA SER B 140 -7.94 -19.47 2.46
C SER B 140 -9.00 -18.88 1.54
N SER B 141 -9.40 -17.62 1.78
CA SER B 141 -10.26 -16.87 0.84
C SER B 141 -10.04 -15.36 1.04
N VAL B 142 -10.56 -14.53 0.13
CA VAL B 142 -10.49 -13.10 0.31
C VAL B 142 -11.91 -12.58 -0.04
N ALA B 143 -12.59 -11.92 0.89
CA ALA B 143 -13.99 -11.44 0.65
C ALA B 143 -14.01 -10.13 -0.12
N VAL B 144 -14.96 -10.01 -1.05
CA VAL B 144 -15.07 -8.82 -1.89
C VAL B 144 -16.53 -8.69 -2.40
N GLN B 145 -16.89 -7.50 -2.90
CA GLN B 145 -18.23 -7.31 -3.34
C GLN B 145 -18.34 -7.77 -4.80
N THR B 146 -19.45 -8.45 -5.14
CA THR B 146 -19.69 -9.01 -6.47
C THR B 146 -19.90 -7.94 -7.51
N GLY B 147 -19.46 -8.25 -8.73
CA GLY B 147 -19.65 -7.28 -9.86
C GLY B 147 -18.80 -6.04 -9.88
N THR B 148 -17.87 -5.91 -8.94
CA THR B 148 -17.08 -4.68 -8.82
C THR B 148 -15.73 -4.83 -9.51
N TYR B 149 -15.10 -3.69 -9.86
CA TYR B 149 -13.76 -3.72 -10.47
C TYR B 149 -12.72 -4.34 -9.51
N GLN B 150 -12.92 -4.18 -8.21
CA GLN B 150 -12.05 -4.81 -7.22
C GLN B 150 -12.20 -6.33 -7.21
N GLU B 151 -13.42 -6.82 -7.46
CA GLU B 151 -13.55 -8.25 -7.69
C GLU B 151 -12.78 -8.67 -8.94
N HIS B 152 -13.01 -7.99 -10.06
CA HIS B 152 -12.25 -8.30 -11.29
C HIS B 152 -10.73 -8.28 -11.08
N TYR B 153 -10.22 -7.28 -10.33
CA TYR B 153 -8.78 -7.25 -10.00
C TYR B 153 -8.36 -8.56 -9.30
N LEU B 154 -9.13 -9.00 -8.31
CA LEU B 154 -8.80 -10.17 -7.59
C LEU B 154 -8.90 -11.42 -8.48
N LEU B 155 -9.89 -11.48 -9.38
CA LEU B 155 -10.04 -12.66 -10.24
C LEU B 155 -8.92 -12.69 -11.27
N SER B 156 -8.25 -11.55 -11.44
CA SER B 156 -7.30 -11.45 -12.51
C SER B 156 -5.86 -11.76 -12.02
N GLN B 157 -5.72 -11.99 -10.72
CA GLN B 157 -4.41 -12.31 -10.11
C GLN B 157 -4.27 -13.78 -9.86
N PRO B 158 -3.00 -14.30 -9.99
CA PRO B 158 -2.66 -15.68 -9.61
C PRO B 158 -2.86 -16.01 -8.13
N GLY B 159 -3.45 -17.16 -7.84
CA GLY B 159 -3.35 -17.80 -6.51
C GLY B 159 -4.31 -17.21 -5.47
N ILE B 160 -5.31 -16.41 -5.90
CA ILE B 160 -6.28 -15.83 -4.98
C ILE B 160 -7.60 -16.59 -4.97
N CYS B 161 -8.04 -17.07 -3.81
CA CYS B 161 -9.37 -17.64 -3.65
C CYS B 161 -10.35 -16.49 -3.25
N VAL B 162 -11.35 -16.25 -4.08
CA VAL B 162 -12.20 -15.08 -3.87
C VAL B 162 -13.60 -15.57 -3.44
N ARG B 163 -14.13 -15.10 -2.32
CA ARG B 163 -15.55 -15.24 -2.02
C ARG B 163 -16.28 -13.87 -2.25
N SER B 164 -17.32 -13.82 -3.11
CA SER B 164 -17.96 -12.58 -3.55
C SER B 164 -19.31 -12.49 -2.90
N PHE B 165 -19.65 -11.32 -2.36
CA PHE B 165 -20.90 -11.15 -1.60
C PHE B 165 -21.74 -10.02 -2.18
N ASP B 166 -23.02 -9.98 -1.83
CA ASP B 166 -23.90 -8.90 -2.31
C ASP B 166 -23.44 -7.49 -1.82
N SER B 167 -23.02 -7.39 -0.54
CA SER B 167 -22.92 -6.08 0.15
C SER B 167 -21.64 -5.83 0.86
N THR B 168 -21.41 -4.54 1.07
CA THR B 168 -20.19 -4.07 1.73
C THR B 168 -20.19 -4.55 3.17
N LEU B 169 -21.35 -4.50 3.85
CA LEU B 169 -21.46 -5.07 5.21
C LEU B 169 -21.27 -6.57 5.23
N GLU B 170 -21.77 -7.25 4.21
CA GLU B 170 -21.52 -8.71 4.18
C GLU B 170 -20.02 -8.93 4.16
N VAL B 171 -19.36 -8.21 3.24
CA VAL B 171 -17.94 -8.37 3.03
C VAL B 171 -17.24 -8.12 4.36
N ILE B 172 -17.63 -7.06 5.05
CA ILE B 172 -16.88 -6.69 6.25
C ILE B 172 -17.21 -7.74 7.36
N MET B 173 -18.47 -8.14 7.47
CA MET B 173 -18.89 -9.14 8.49
C MET B 173 -18.23 -10.51 8.30
N GLU B 174 -17.95 -10.88 7.06
CA GLU B 174 -17.23 -12.11 6.78
C GLU B 174 -15.89 -12.06 7.51
N VAL B 175 -15.20 -10.93 7.49
CA VAL B 175 -13.94 -10.82 8.20
C VAL B 175 -14.21 -10.74 9.70
N ARG B 176 -15.12 -9.86 10.10
CA ARG B 176 -15.39 -9.70 11.53
C ARG B 176 -15.62 -11.03 12.26
N TYR B 177 -16.38 -11.95 11.65
CA TYR B 177 -16.77 -13.24 12.23
C TYR B 177 -15.84 -14.37 11.90
N GLY B 178 -14.68 -14.01 11.35
CA GLY B 178 -13.58 -14.95 11.20
C GLY B 178 -13.71 -15.97 10.10
N LYS B 179 -14.62 -15.73 9.15
CA LYS B 179 -14.85 -16.65 8.02
C LYS B 179 -13.88 -16.45 6.84
N SER B 180 -13.56 -15.18 6.51
CA SER B 180 -12.41 -14.86 5.64
C SER B 180 -11.35 -14.13 6.48
N PRO B 181 -10.07 -14.45 6.29
CA PRO B 181 -9.00 -13.72 6.99
C PRO B 181 -8.93 -12.28 6.57
N VAL B 182 -9.26 -12.00 5.30
CA VAL B 182 -9.11 -10.63 4.85
C VAL B 182 -10.24 -10.30 3.90
N ALA B 183 -10.54 -9.01 3.75
CA ALA B 183 -11.48 -8.53 2.74
C ALA B 183 -10.80 -7.41 1.97
N VAL B 184 -11.41 -7.02 0.86
CA VAL B 184 -10.92 -5.95 0.01
C VAL B 184 -12.05 -4.92 -0.21
N LEU B 185 -11.78 -3.64 0.09
CA LEU B 185 -12.69 -2.57 -0.13
C LEU B 185 -11.95 -1.49 -0.86
N GLU B 186 -12.72 -0.60 -1.47
CA GLU B 186 -12.22 0.60 -2.04
C GLU B 186 -11.85 1.57 -0.91
N PRO B 187 -10.79 2.37 -1.08
CA PRO B 187 -10.36 3.20 0.06
C PRO B 187 -11.41 4.20 0.42
N SER B 188 -12.12 4.74 -0.60
CA SER B 188 -13.11 5.82 -0.35
C SER B 188 -14.26 5.27 0.50
N VAL B 189 -14.67 4.02 0.20
CA VAL B 189 -15.64 3.27 1.03
C VAL B 189 -15.12 2.85 2.43
N GLY B 190 -13.93 2.23 2.40
CA GLY B 190 -13.28 1.72 3.64
C GLY B 190 -13.19 2.78 4.72
N ARG B 191 -12.69 3.97 4.38
CA ARG B 191 -12.52 5.08 5.40
C ARG B 191 -13.82 5.33 6.13
N VAL B 192 -14.92 5.28 5.39
CA VAL B 192 -16.22 5.66 5.95
C VAL B 192 -16.80 4.56 6.80
N VAL B 193 -17.00 3.41 6.19
CA VAL B 193 -17.63 2.27 6.84
C VAL B 193 -16.81 1.70 8.02
N LEU B 194 -15.48 1.69 7.90
CA LEU B 194 -14.65 1.00 8.92
C LEU B 194 -14.58 1.84 10.22
N LYS B 195 -15.12 3.06 10.14
CA LYS B 195 -15.21 3.87 11.32
C LYS B 195 -16.01 3.16 12.43
N ASP B 196 -16.99 2.32 12.07
CA ASP B 196 -17.80 1.64 13.07
C ASP B 196 -17.27 0.27 13.48
N PHE B 197 -16.04 -0.06 13.08
CA PHE B 197 -15.42 -1.37 13.38
C PHE B 197 -14.00 -1.23 13.97
N PRO B 198 -13.89 -0.89 15.29
CA PRO B 198 -12.61 -0.55 15.92
C PRO B 198 -11.66 -1.71 16.06
N ASN B 199 -12.13 -2.93 15.84
CA ASN B 199 -11.22 -4.09 15.94
C ASN B 199 -10.61 -4.52 14.61
N LEU B 200 -11.08 -3.87 13.53
CA LEU B 200 -10.52 -4.08 12.22
C LEU B 200 -9.50 -2.99 11.81
N VAL B 201 -8.52 -3.37 10.97
CA VAL B 201 -7.52 -2.45 10.39
C VAL B 201 -7.45 -2.68 8.89
N ALA B 202 -6.83 -1.74 8.19
CA ALA B 202 -6.77 -1.73 6.74
C ALA B 202 -5.36 -1.44 6.33
N THR B 203 -4.92 -2.18 5.31
CA THR B 203 -3.60 -1.97 4.75
C THR B 203 -3.68 -1.66 3.21
N ARG B 204 -2.78 -0.80 2.74
CA ARG B 204 -2.79 -0.29 1.40
C ARG B 204 -2.29 -1.36 0.46
N LEU B 205 -3.05 -1.60 -0.62
CA LEU B 205 -2.63 -2.54 -1.68
C LEU B 205 -2.48 -1.76 -2.98
N GLU B 206 -1.28 -1.74 -3.54
CA GLU B 206 -1.07 -1.04 -4.80
C GLU B 206 -1.72 -1.78 -5.96
N LEU B 207 -2.58 -1.06 -6.69
CA LEU B 207 -3.18 -1.67 -7.87
C LEU B 207 -2.22 -1.64 -9.06
N PRO B 208 -2.21 -2.72 -9.88
CA PRO B 208 -1.46 -2.61 -11.15
C PRO B 208 -2.11 -1.51 -12.06
N PRO B 209 -1.33 -0.88 -12.96
CA PRO B 209 -1.83 0.16 -13.89
C PRO B 209 -3.11 -0.22 -14.67
N GLU B 210 -3.14 -1.44 -15.22
CA GLU B 210 -4.33 -1.89 -15.98
C GLU B 210 -5.58 -1.91 -15.12
N CYS B 211 -5.44 -1.76 -13.80
CA CYS B 211 -6.61 -1.83 -12.92
C CYS B 211 -6.98 -0.49 -12.29
N TRP B 212 -6.20 0.57 -12.58
CA TRP B 212 -6.60 1.86 -12.11
C TRP B 212 -7.90 2.32 -12.73
N VAL B 213 -8.71 3.01 -11.92
CA VAL B 213 -9.99 3.56 -12.34
C VAL B 213 -10.07 5.04 -11.96
N LEU B 214 -11.07 5.72 -12.51
CA LEU B 214 -11.34 7.10 -12.16
C LEU B 214 -12.41 7.12 -11.03
N GLY B 215 -12.86 8.31 -10.66
CA GLY B 215 -13.91 8.45 -9.60
C GLY B 215 -15.31 7.98 -10.06
N CYS B 216 -16.34 8.34 -9.29
CA CYS B 216 -17.72 8.01 -9.64
C CYS B 216 -18.29 8.82 -10.84
N GLY B 217 -19.00 8.11 -11.68
CA GLY B 217 -19.68 8.73 -12.81
C GLY B 217 -21.16 8.43 -12.79
N LEU B 218 -21.95 9.39 -13.26
CA LEU B 218 -23.39 9.25 -13.30
C LEU B 218 -23.70 8.70 -14.69
N GLY B 219 -24.28 7.49 -14.78
CA GLY B 219 -24.55 6.85 -16.07
C GLY B 219 -25.76 7.39 -16.79
N VAL B 220 -25.62 7.59 -18.09
CA VAL B 220 -26.67 8.10 -18.94
C VAL B 220 -26.50 7.32 -20.26
N ALA B 221 -27.62 6.99 -20.91
CA ALA B 221 -27.54 6.31 -22.23
C ALA B 221 -26.73 7.13 -23.22
N LYS B 222 -25.95 6.44 -24.06
CA LYS B 222 -25.04 7.06 -25.04
C LYS B 222 -25.83 7.68 -26.18
N ASP B 223 -27.00 7.14 -26.47
CA ASP B 223 -27.88 7.64 -27.52
C ASP B 223 -28.76 8.80 -27.07
N ARG B 224 -28.68 9.17 -25.80
CA ARG B 224 -29.35 10.39 -25.28
C ARG B 224 -28.41 11.59 -25.04
N PRO B 225 -27.80 12.14 -26.10
CA PRO B 225 -26.91 13.31 -25.96
C PRO B 225 -27.55 14.49 -25.26
N GLU B 226 -28.77 14.84 -25.63
CA GLU B 226 -29.40 16.01 -25.01
C GLU B 226 -29.57 15.88 -23.50
N GLU B 227 -29.93 14.69 -23.05
CA GLU B 227 -30.04 14.41 -21.63
C GLU B 227 -28.67 14.48 -20.91
N ILE B 228 -27.63 13.94 -21.54
CA ILE B 228 -26.25 14.04 -21.07
C ILE B 228 -25.89 15.52 -20.76
N GLN B 229 -26.03 16.36 -21.78
CA GLN B 229 -25.82 17.79 -21.69
C GLN B 229 -26.60 18.40 -20.56
N THR B 230 -27.89 18.04 -20.46
CA THR B 230 -28.73 18.54 -19.40
C THR B 230 -28.24 18.12 -17.99
N ILE B 231 -27.88 16.85 -17.81
CA ILE B 231 -27.45 16.34 -16.47
C ILE B 231 -26.08 16.96 -16.10
N GLN B 232 -25.24 17.12 -17.10
CA GLN B 232 -23.88 17.59 -16.91
C GLN B 232 -23.98 19.01 -16.45
N GLN B 233 -24.97 19.72 -16.96
CA GLN B 233 -25.16 21.14 -16.57
C GLN B 233 -25.64 21.23 -15.12
N ALA B 234 -26.49 20.28 -14.74
CA ALA B 234 -27.05 20.27 -13.40
C ALA B 234 -25.93 19.90 -12.39
N ILE B 235 -25.00 19.01 -12.77
CA ILE B 235 -23.89 18.66 -11.89
C ILE B 235 -22.93 19.88 -11.79
N THR B 236 -22.75 20.61 -12.90
CA THR B 236 -21.82 21.75 -12.83
C THR B 236 -22.45 22.86 -11.97
N ASP B 237 -23.75 23.08 -12.10
CA ASP B 237 -24.45 24.07 -11.23
C ASP B 237 -24.48 23.66 -9.74
N LEU B 238 -24.86 22.41 -9.44
CA LEU B 238 -24.82 21.91 -8.06
C LEU B 238 -23.46 22.07 -7.40
N LYS B 239 -22.41 21.84 -8.20
CA LYS B 239 -21.06 22.00 -7.73
C LYS B 239 -20.70 23.46 -7.51
N SER B 240 -21.00 24.27 -8.53
CA SER B 240 -20.95 25.73 -8.44
C SER B 240 -21.58 26.24 -7.14
N GLU B 241 -22.81 25.79 -6.84
CA GLU B 241 -23.57 26.33 -5.71
C GLU B 241 -23.09 25.79 -4.35
N GLY B 242 -22.08 24.93 -4.38
CA GLY B 242 -21.65 24.26 -3.15
C GLY B 242 -22.50 23.08 -2.66
N VAL B 243 -23.48 22.66 -3.43
CA VAL B 243 -24.36 21.58 -2.95
C VAL B 243 -23.60 20.22 -2.87
N ILE B 244 -22.80 19.92 -3.88
CA ILE B 244 -22.02 18.66 -3.90
C ILE B 244 -21.08 18.59 -2.67
N GLN B 245 -20.36 19.70 -2.47
CA GLN B 245 -19.48 19.85 -1.33
C GLN B 245 -20.22 19.56 0.00
N SER B 246 -21.41 20.14 0.18
CA SER B 246 -22.24 19.91 1.34
C SER B 246 -22.60 18.46 1.53
N LEU B 247 -22.85 17.79 0.39
CA LEU B 247 -23.31 16.42 0.35
C LEU B 247 -22.21 15.44 0.66
N THR B 248 -21.00 15.68 0.14
CA THR B 248 -19.85 14.86 0.48
C THR B 248 -19.61 14.98 1.98
N LYS B 249 -19.70 16.19 2.55
CA LYS B 249 -19.45 16.38 3.99
C LYS B 249 -20.51 15.63 4.79
N LYS B 250 -21.79 15.75 4.38
CA LYS B 250 -22.91 15.09 5.09
C LYS B 250 -22.64 13.59 5.19
N TRP B 251 -22.08 13.02 4.11
CA TRP B 251 -21.89 11.57 4.06
C TRP B 251 -20.45 11.12 4.31
N GLN B 252 -19.62 11.99 4.85
CA GLN B 252 -18.27 11.66 5.33
C GLN B 252 -17.28 11.33 4.22
N LEU B 253 -17.54 11.83 2.99
CA LEU B 253 -16.73 11.46 1.84
C LEU B 253 -15.64 12.50 1.52
N SER B 254 -15.57 13.54 2.36
CA SER B 254 -14.57 14.57 2.23
C SER B 254 -14.12 15.06 3.60
N GLU B 255 -12.96 15.69 3.61
CA GLU B 255 -12.33 16.25 4.80
C GLU B 255 -13.23 17.28 5.43
N VAL B 256 -13.11 17.42 6.74
CA VAL B 256 -13.95 18.33 7.48
C VAL B 256 -13.24 19.66 7.78
N ALA B 257 -13.84 20.79 7.41
CA ALA B 257 -13.33 22.10 7.87
C ALA B 257 -13.88 22.51 9.28
N TYR B 258 -13.14 23.35 10.03
CA TYR B 258 -13.69 23.97 11.23
C TYR B 258 -14.49 25.16 10.83
N GLU B 259 -15.62 25.35 11.47
CA GLU B 259 -16.31 26.63 11.35
C GLU B 259 -15.93 27.47 12.55
N ALA B 260 -15.11 28.49 12.26
CA ALA B 260 -14.52 29.37 13.28
C ALA B 260 -15.27 30.70 13.22
N ALA B 261 -15.55 31.31 14.37
CA ALA B 261 -16.11 32.67 14.45
C ALA B 261 -15.17 33.71 13.91
N GLN B 262 -15.74 34.72 13.28
CA GLN B 262 -15.03 35.91 12.82
C GLN B 262 -15.99 37.12 12.83
N ARG C . 20.93 -6.81 4.43
CA ARG C . 22.09 -6.99 3.49
C ARG C . 23.18 -7.82 4.14
O ARG C . 23.13 -7.94 5.35
CB ARG C . 22.67 -5.63 3.14
CG ARG C . 23.06 -4.77 4.37
CD ARG C . 23.98 -3.53 3.94
NE ARG C . 23.93 -2.50 4.96
CZ ARG C . 24.63 -1.37 4.91
NH1 ARG C . 25.46 -1.14 3.93
NH2 ARG C . 24.55 -0.50 5.88
OXT ARG C . 24.12 -8.36 3.55
N ARG D . -16.91 1.38 -7.31
CA ARG D . -17.04 -0.06 -7.64
C ARG D . -17.29 -0.28 -9.15
O ARG D . -17.75 0.64 -9.83
CB ARG D . -18.21 -0.71 -6.85
CG ARG D . -19.58 0.09 -6.97
CD ARG D . -20.70 -0.79 -6.37
NE ARG D . -21.92 -0.04 -6.16
CZ ARG D . -23.07 -0.58 -5.75
NH1 ARG D . -23.12 -1.86 -5.43
NH2 ARG D . -24.12 0.18 -5.55
OXT ARG D . -16.98 -1.37 -9.67
#